data_6F39
#
_entry.id   6F39
#
_cell.length_a   140.563
_cell.length_b   54.620
_cell.length_c   138.180
_cell.angle_alpha   90.000
_cell.angle_beta   99.900
_cell.angle_gamma   90.000
#
_symmetry.space_group_name_H-M   'C 1 2 1'
#
loop_
_entity.id
_entity.type
_entity.pdbx_description
1 polymer 'Complement C1r subcomponent'
2 branched beta-D-galactopyranose-(1-4)-alpha-D-mannopyranose-(1-3)-[alpha-D-mannopyranose-(1-6)]beta-D-mannopyranose-(1-4)-2-acetamido-2-deoxy-beta-D-glucopyranose-(1-4)-2-acetamido-2-deoxy-beta-D-glucopyranose
3 non-polymer 'CALCIUM ION'
4 non-polymer 'SODIUM ION'
5 non-polymer 2-acetamido-2-deoxy-beta-D-glucopyranose
#
_entity_poly.entity_id   1
_entity_poly.type   'polypeptide(L)'
_entity_poly.pdbx_seq_one_letter_code
;PQKLFGEVTSPLFPKPYPNNFETTTVITVPTGYRVKLVFQQFDLEPSEGCFYDYVKISADKKSLGRFCGQLGSPLGNPPG
KKEFMSQGNKMLLTFHTDFSNEENGTIMFYKGFLAYYQAVDLDECASRSKSGEEDPQPQCQHLCHNYVGGYFCSCRPGYE
LQEDTHSCQAECSSELYTEASGYISSLEYPRSYPPDLRCNYSIRVERGLTLHLKFLEPFDIDDHQQVHCPYDQLQIYANG
KNIGEFCGKQRPPDLDTSSNAVDLLFFTDESGDSRGWKLRYTTEI
;
_entity_poly.pdbx_strand_id   A,B
#
# COMPACT_ATOMS: atom_id res chain seq x y z
N PRO A 1 -18.91 4.99 9.24
CA PRO A 1 -18.11 5.33 10.42
C PRO A 1 -16.61 5.08 10.23
N GLN A 2 -15.93 4.72 11.31
CA GLN A 2 -14.49 4.50 11.31
C GLN A 2 -14.24 3.01 11.58
N LYS A 3 -13.86 2.25 10.54
CA LYS A 3 -13.65 0.81 10.65
C LYS A 3 -12.27 0.42 10.11
N LEU A 4 -11.36 0.14 11.04
CA LEU A 4 -10.06 -0.40 10.70
C LEU A 4 -10.24 -1.78 10.07
N PHE A 5 -10.74 -2.73 10.85
CA PHE A 5 -11.14 -4.04 10.32
C PHE A 5 -12.32 -4.56 11.14
N GLY A 6 -12.67 -5.85 10.95
CA GLY A 6 -13.73 -6.50 11.73
C GLY A 6 -14.04 -7.92 11.28
N GLU A 7 -14.85 -8.62 12.10
CA GLU A 7 -15.27 -10.00 11.82
C GLU A 7 -16.78 -10.06 11.64
N VAL A 8 -17.21 -10.74 10.57
CA VAL A 8 -18.62 -10.98 10.29
C VAL A 8 -18.87 -12.46 10.48
N THR A 9 -19.61 -12.79 11.52
CA THR A 9 -20.10 -14.15 11.65
C THR A 9 -21.37 -14.22 10.82
N SER A 10 -21.45 -15.21 9.94
CA SER A 10 -22.77 -15.64 9.53
C SER A 10 -23.58 -15.82 10.81
N PRO A 11 -24.78 -15.25 10.90
CA PRO A 11 -25.53 -15.29 12.16
C PRO A 11 -25.62 -16.71 12.73
N LEU A 12 -25.41 -16.82 14.04
CA LEU A 12 -25.36 -18.05 14.84
C LEU A 12 -24.07 -18.86 14.66
N PHE A 13 -22.99 -18.24 14.20
CA PHE A 13 -21.73 -18.97 14.01
C PHE A 13 -21.20 -19.42 15.38
N PRO A 14 -20.64 -20.65 15.49
CA PRO A 14 -20.40 -21.68 14.47
C PRO A 14 -21.58 -22.62 14.31
N LYS A 15 -22.61 -22.43 15.14
CA LYS A 15 -23.85 -23.14 14.94
C LYS A 15 -24.36 -22.83 13.52
N PRO A 16 -24.96 -23.81 12.82
CA PRO A 16 -25.35 -23.59 11.42
C PRO A 16 -26.21 -22.36 11.18
N TYR A 17 -26.27 -21.94 9.94
CA TYR A 17 -27.13 -20.81 9.58
C TYR A 17 -28.59 -21.27 9.55
N PRO A 18 -29.52 -20.42 10.01
CA PRO A 18 -30.94 -20.81 9.94
C PRO A 18 -31.46 -20.70 8.52
N ASN A 19 -32.23 -21.71 8.13
CA ASN A 19 -32.75 -21.69 6.78
C ASN A 19 -33.74 -20.54 6.63
N ASN A 20 -34.07 -20.23 5.38
CA ASN A 20 -35.00 -19.15 5.06
C ASN A 20 -34.51 -17.82 5.63
N PHE A 21 -33.42 -17.33 5.05
CA PHE A 21 -32.76 -16.16 5.60
C PHE A 21 -32.14 -15.32 4.48
N GLU A 22 -32.20 -14.00 4.64
CA GLU A 22 -31.52 -13.11 3.70
C GLU A 22 -31.17 -11.84 4.46
N THR A 23 -29.94 -11.78 4.94
CA THR A 23 -29.45 -10.67 5.73
C THR A 23 -28.22 -10.08 5.08
N THR A 24 -28.16 -8.76 5.05
CA THR A 24 -27.07 -8.03 4.41
C THR A 24 -26.28 -7.26 5.45
N THR A 25 -24.96 -7.44 5.44
CA THR A 25 -24.05 -6.65 6.27
C THR A 25 -23.27 -5.74 5.33
N VAL A 26 -23.17 -4.45 5.67
CA VAL A 26 -22.53 -3.47 4.81
C VAL A 26 -21.30 -2.91 5.54
N ILE A 27 -20.12 -3.12 4.96
CA ILE A 27 -18.91 -2.49 5.47
C ILE A 27 -18.89 -1.04 5.04
N THR A 28 -18.52 -0.16 5.97
CA THR A 28 -18.20 1.22 5.63
C THR A 28 -16.80 1.48 6.19
N VAL A 29 -15.75 1.12 5.43
CA VAL A 29 -14.40 1.49 5.83
C VAL A 29 -14.32 3.00 5.67
N PRO A 30 -13.38 3.69 6.33
CA PRO A 30 -13.29 5.15 6.15
C PRO A 30 -13.25 5.52 4.67
N THR A 31 -13.85 6.67 4.35
CA THR A 31 -14.01 7.05 2.95
C THR A 31 -12.66 7.41 2.35
N GLY A 32 -12.49 7.09 1.07
CA GLY A 32 -11.22 7.26 0.40
C GLY A 32 -10.27 6.09 0.55
N TYR A 33 -10.77 4.89 0.83
CA TYR A 33 -9.98 3.69 1.07
C TYR A 33 -10.55 2.52 0.28
N ARG A 34 -9.77 1.45 0.22
CA ARG A 34 -10.23 0.17 -0.30
C ARG A 34 -10.28 -0.82 0.85
N VAL A 35 -11.13 -1.78 0.70
CA VAL A 35 -11.35 -2.83 1.68
C VAL A 35 -10.58 -4.08 1.24
N LYS A 36 -10.19 -4.92 2.21
CA LYS A 36 -9.62 -6.23 1.94
C LYS A 36 -10.45 -7.32 2.64
N LEU A 37 -10.52 -8.51 2.02
CA LEU A 37 -11.47 -9.52 2.48
C LEU A 37 -10.93 -10.93 2.28
N VAL A 38 -10.92 -11.73 3.37
CA VAL A 38 -10.54 -13.14 3.34
C VAL A 38 -11.39 -13.92 4.34
N PHE A 39 -11.39 -15.24 4.18
CA PHE A 39 -12.00 -16.15 5.15
C PHE A 39 -10.92 -16.68 6.09
N PHE A 42 -15.74 -21.55 5.03
CA PHE A 42 -16.95 -21.46 4.21
C PHE A 42 -17.56 -22.85 4.03
N ASP A 43 -18.53 -23.17 4.88
CA ASP A 43 -19.19 -24.47 4.90
C ASP A 43 -20.68 -24.22 4.62
N LEU A 44 -21.08 -24.32 3.36
CA LEU A 44 -22.47 -24.09 2.93
C LEU A 44 -22.85 -25.18 1.92
N GLU A 45 -24.04 -25.03 1.31
CA GLU A 45 -24.54 -26.05 0.39
C GLU A 45 -24.09 -25.78 -1.04
N PRO A 46 -23.31 -26.67 -1.65
CA PRO A 46 -22.94 -26.46 -3.05
C PRO A 46 -24.10 -26.68 -3.99
N SER A 47 -24.11 -25.90 -5.06
CA SER A 47 -25.09 -26.09 -6.12
C SER A 47 -24.56 -25.39 -7.35
N GLU A 48 -24.70 -26.06 -8.48
CA GLU A 48 -24.26 -25.47 -9.73
C GLU A 48 -25.03 -24.19 -9.99
N GLY A 49 -24.32 -23.07 -10.05
CA GLY A 49 -24.94 -21.77 -10.15
C GLY A 49 -25.47 -21.23 -8.84
N CYS A 50 -25.36 -22.00 -7.75
CA CYS A 50 -25.76 -21.60 -6.42
C CYS A 50 -27.19 -21.06 -6.37
N PHE A 51 -28.14 -21.87 -6.84
CA PHE A 51 -29.54 -21.51 -6.63
C PHE A 51 -30.00 -21.98 -5.25
N TYR A 52 -29.57 -23.18 -4.85
CA TYR A 52 -29.97 -23.70 -3.54
C TYR A 52 -29.58 -22.70 -2.46
N ASP A 53 -28.28 -22.58 -2.22
CA ASP A 53 -27.77 -21.58 -1.28
C ASP A 53 -26.75 -20.73 -2.00
N TYR A 54 -26.57 -19.51 -1.52
CA TYR A 54 -25.52 -18.67 -2.08
C TYR A 54 -25.25 -17.51 -1.13
N VAL A 55 -23.99 -17.08 -1.09
CA VAL A 55 -23.57 -15.85 -0.44
C VAL A 55 -23.23 -14.86 -1.54
N LYS A 56 -24.05 -13.81 -1.66
CA LYS A 56 -23.94 -12.84 -2.75
C LYS A 56 -23.12 -11.68 -2.23
N ILE A 57 -22.09 -11.30 -2.98
CA ILE A 57 -21.09 -10.39 -2.45
C ILE A 57 -20.62 -9.42 -3.53
N SER A 58 -20.36 -8.19 -3.10
CA SER A 58 -19.93 -7.09 -3.98
C SER A 58 -19.06 -6.12 -3.20
N LYS A 62 -20.69 -2.33 -8.28
CA LYS A 62 -20.74 -3.43 -9.24
C LYS A 62 -20.54 -4.78 -8.52
N SER A 63 -21.10 -5.84 -9.10
CA SER A 63 -21.13 -7.18 -8.51
C SER A 63 -19.82 -7.95 -8.65
N LEU A 64 -19.33 -8.49 -7.51
CA LEU A 64 -18.21 -9.42 -7.52
C LEU A 64 -18.65 -10.85 -7.82
N GLY A 65 -19.49 -11.44 -6.96
CA GLY A 65 -19.84 -12.83 -7.18
C GLY A 65 -20.91 -13.35 -6.24
N ARG A 66 -21.39 -14.55 -6.57
CA ARG A 66 -22.36 -15.31 -5.78
C ARG A 66 -21.92 -16.76 -5.76
N PHE A 67 -21.62 -17.30 -4.58
CA PHE A 67 -21.18 -18.67 -4.52
C PHE A 67 -21.63 -19.31 -3.22
N CYS A 68 -21.30 -20.58 -3.11
CA CYS A 68 -21.80 -21.48 -2.08
C CYS A 68 -20.76 -22.60 -1.97
N GLY A 69 -21.12 -23.69 -1.29
CA GLY A 69 -20.35 -24.92 -1.37
C GLY A 69 -19.32 -25.11 -0.26
N GLN A 70 -18.95 -26.37 -0.04
CA GLN A 70 -17.98 -26.74 0.98
C GLN A 70 -16.57 -26.42 0.49
N LEU A 71 -15.66 -26.35 1.45
CA LEU A 71 -14.30 -25.91 1.19
C LEU A 71 -13.56 -26.85 0.25
N GLY A 72 -13.27 -28.08 0.70
CA GLY A 72 -12.46 -28.98 -0.09
C GLY A 72 -13.22 -29.75 -1.14
N SER A 73 -14.35 -29.19 -1.58
CA SER A 73 -15.26 -29.91 -2.47
C SER A 73 -15.06 -29.38 -3.89
N PRO A 74 -14.59 -30.21 -4.82
CA PRO A 74 -14.60 -29.82 -6.24
C PRO A 74 -16.00 -29.92 -6.87
N LEU A 75 -16.19 -29.15 -7.95
CA LEU A 75 -17.47 -29.02 -8.67
C LEU A 75 -18.61 -28.61 -7.74
N GLY A 76 -18.29 -27.74 -6.77
CA GLY A 76 -19.29 -27.13 -5.92
C GLY A 76 -19.22 -25.61 -5.83
N ASN A 77 -18.47 -24.97 -6.72
CA ASN A 77 -18.24 -23.52 -6.70
C ASN A 77 -17.75 -22.99 -5.35
N PRO A 78 -16.63 -23.50 -4.82
CA PRO A 78 -16.18 -23.05 -3.51
C PRO A 78 -15.34 -21.79 -3.64
N PRO A 79 -15.62 -20.72 -2.84
CA PRO A 79 -14.94 -19.43 -3.03
C PRO A 79 -13.48 -19.43 -2.63
N GLY A 80 -13.17 -19.99 -1.46
CA GLY A 80 -11.80 -20.04 -0.96
C GLY A 80 -11.34 -18.87 -0.09
N LYS A 81 -10.12 -18.38 -0.32
CA LYS A 81 -9.62 -17.30 0.53
C LYS A 81 -8.87 -16.26 -0.29
N LYS A 82 -9.33 -16.02 -1.52
CA LYS A 82 -8.68 -15.07 -2.41
C LYS A 82 -9.04 -13.62 -2.07
N GLU A 83 -8.09 -12.71 -2.30
CA GLU A 83 -8.30 -11.29 -2.02
C GLU A 83 -9.11 -10.64 -3.13
N PHE A 84 -9.93 -9.67 -2.75
CA PHE A 84 -10.67 -8.91 -3.74
C PHE A 84 -10.95 -7.52 -3.18
N MET A 85 -10.34 -6.49 -3.81
CA MET A 85 -10.38 -5.11 -3.36
C MET A 85 -11.48 -4.32 -4.07
N SER A 86 -12.14 -3.44 -3.31
CA SER A 86 -13.16 -2.57 -3.85
C SER A 86 -12.54 -1.36 -4.52
N GLN A 87 -13.31 -0.73 -5.41
CA GLN A 87 -12.88 0.54 -5.99
C GLN A 87 -13.16 1.73 -5.08
N GLY A 88 -14.14 1.61 -4.20
CA GLY A 88 -14.50 2.73 -3.36
C GLY A 88 -14.60 2.41 -1.89
N ASN A 89 -15.14 3.34 -1.13
CA ASN A 89 -15.10 3.30 0.32
C ASN A 89 -16.07 2.29 0.92
N LYS A 90 -16.89 1.61 0.12
CA LYS A 90 -18.05 0.90 0.64
C LYS A 90 -18.09 -0.55 0.13
N MET A 91 -18.32 -1.51 1.04
CA MET A 91 -18.37 -2.94 0.74
C MET A 91 -19.73 -3.51 1.12
N LEU A 92 -20.16 -4.55 0.42
CA LEU A 92 -21.53 -5.04 0.53
C LEU A 92 -21.57 -6.56 0.55
N LEU A 93 -22.08 -7.13 1.66
CA LEU A 93 -22.24 -8.56 1.85
C LEU A 93 -23.69 -8.98 1.83
N THR A 94 -23.96 -10.13 1.22
CA THR A 94 -25.33 -10.60 1.22
C THR A 94 -25.35 -12.11 1.43
N PHE A 95 -26.28 -12.52 2.29
CA PHE A 95 -26.44 -13.90 2.74
C PHE A 95 -27.84 -14.35 2.35
N HIS A 96 -27.93 -15.35 1.48
CA HIS A 96 -29.23 -15.90 1.11
C HIS A 96 -29.19 -17.42 1.24
N THR A 97 -30.06 -17.96 2.08
CA THR A 97 -30.30 -19.40 2.21
C THR A 97 -31.78 -19.61 2.03
N ASP A 98 -32.13 -20.44 1.06
CA ASP A 98 -33.53 -20.70 0.75
C ASP A 98 -34.08 -21.60 1.84
N PHE A 99 -35.27 -22.18 1.63
CA PHE A 99 -35.95 -22.86 2.72
C PHE A 99 -35.28 -24.18 3.12
N SER A 100 -34.49 -24.80 2.25
CA SER A 100 -33.94 -26.11 2.53
C SER A 100 -32.43 -26.04 2.77
N ASN A 101 -32.02 -26.40 3.98
CA ASN A 101 -30.65 -26.84 4.17
C ASN A 101 -30.55 -28.34 3.98
N GLU A 102 -31.68 -28.99 3.70
CA GLU A 102 -31.75 -30.40 3.34
C GLU A 102 -31.96 -30.55 1.85
N GLU A 103 -31.29 -29.75 1.03
CA GLU A 103 -31.39 -29.97 -0.41
C GLU A 103 -30.41 -31.08 -0.76
N ASN A 104 -30.83 -31.95 -1.67
CA ASN A 104 -30.26 -33.29 -1.70
C ASN A 104 -30.47 -33.89 -0.30
N GLY A 105 -31.76 -34.14 -0.01
CA GLY A 105 -32.30 -34.38 1.32
C GLY A 105 -31.94 -35.61 2.12
N THR A 106 -32.87 -36.05 2.98
CA THR A 106 -32.58 -36.88 4.16
C THR A 106 -31.62 -36.12 5.09
N ILE A 107 -32.03 -34.90 5.44
CA ILE A 107 -31.22 -33.89 6.15
C ILE A 107 -29.87 -33.58 5.49
N TYR A 110 -25.26 -26.75 7.48
CA TYR A 110 -23.94 -26.23 7.15
C TYR A 110 -23.61 -25.08 8.13
N LYS A 111 -22.38 -25.06 8.64
CA LYS A 111 -22.05 -24.15 9.74
C LYS A 111 -22.24 -22.70 9.32
N GLY A 112 -21.64 -22.30 8.21
CA GLY A 112 -21.84 -20.97 7.71
C GLY A 112 -20.56 -20.39 7.16
N PHE A 113 -20.27 -19.15 7.54
CA PHE A 113 -19.04 -18.51 7.13
C PHE A 113 -18.68 -17.43 8.13
N LEU A 114 -17.39 -17.33 8.42
CA LEU A 114 -16.83 -16.27 9.27
C LEU A 114 -15.65 -15.67 8.52
N ALA A 115 -15.74 -14.39 8.19
CA ALA A 115 -14.76 -13.75 7.34
C ALA A 115 -14.05 -12.62 8.09
N TYR A 116 -13.25 -11.86 7.33
CA TYR A 116 -12.53 -10.71 7.85
C TYR A 116 -12.49 -9.61 6.76
N TYR A 117 -12.54 -8.35 7.20
CA TYR A 117 -12.47 -7.21 6.27
C TYR A 117 -11.56 -6.14 6.85
N GLN A 118 -10.89 -5.38 5.99
CA GLN A 118 -10.00 -4.29 6.45
C GLN A 118 -10.32 -2.95 5.79
N ASP A 121 -6.70 0.94 0.57
CA ASP A 121 -6.64 2.27 -0.03
C ASP A 121 -5.70 2.23 -1.24
N LEU A 122 -5.99 3.06 -2.26
CA LEU A 122 -5.12 3.22 -3.44
C LEU A 122 -5.15 4.68 -3.91
N ASP A 123 -4.39 5.00 -4.94
CA ASP A 123 -4.33 6.39 -5.43
C ASP A 123 -4.34 6.43 -6.94
N GLU A 124 -5.24 7.24 -7.52
CA GLU A 124 -5.46 7.28 -8.97
C GLU A 124 -4.22 7.73 -9.73
N CYS A 125 -3.17 8.18 -9.04
CA CYS A 125 -1.90 8.43 -9.71
C CYS A 125 -1.16 7.13 -10.05
N ALA A 126 -1.59 6.00 -9.48
CA ALA A 126 -0.89 4.74 -9.65
C ALA A 126 -0.99 4.21 -11.07
N SER A 127 -2.20 4.19 -11.67
CA SER A 127 -2.30 3.65 -13.03
C SER A 127 -3.34 4.30 -13.95
N ARG A 128 -4.08 5.32 -13.49
CA ARG A 128 -5.10 6.04 -14.27
C ARG A 128 -6.03 5.04 -14.97
N SER A 129 -6.94 4.53 -14.14
CA SER A 129 -7.68 3.30 -14.38
C SER A 129 -8.10 3.17 -15.84
N LYS A 130 -8.94 4.06 -16.29
CA LYS A 130 -9.36 4.01 -17.69
C LYS A 130 -8.97 5.25 -18.47
N SER A 131 -9.02 6.42 -17.87
CA SER A 131 -8.62 7.64 -18.56
C SER A 131 -8.31 8.72 -17.53
N GLY A 132 -7.66 9.79 -18.01
CA GLY A 132 -7.33 10.96 -17.20
C GLY A 132 -8.30 12.13 -17.21
N GLU A 133 -8.99 12.37 -18.32
CA GLU A 133 -9.95 13.48 -18.43
C GLU A 133 -11.44 13.08 -18.40
N GLU A 134 -11.78 11.77 -18.31
CA GLU A 134 -13.20 11.37 -18.25
C GLU A 134 -13.75 11.09 -16.85
N ASP A 135 -12.95 10.59 -15.89
CA ASP A 135 -13.42 10.41 -14.51
C ASP A 135 -13.23 11.73 -13.73
N PRO A 136 -13.87 11.91 -12.52
CA PRO A 136 -13.84 13.26 -11.93
C PRO A 136 -12.39 13.69 -11.66
N GLN A 137 -11.92 14.71 -12.41
CA GLN A 137 -10.49 14.96 -12.72
C GLN A 137 -9.60 15.21 -11.52
N PRO A 138 -8.88 14.19 -10.99
CA PRO A 138 -7.93 14.48 -9.94
C PRO A 138 -6.52 14.53 -10.52
N GLN A 139 -6.40 14.11 -11.77
CA GLN A 139 -5.10 13.83 -12.34
C GLN A 139 -4.34 15.13 -12.50
N CYS A 140 -3.05 14.99 -12.77
CA CYS A 140 -2.18 16.13 -12.93
C CYS A 140 -1.35 15.92 -14.19
N GLN A 141 -1.10 17.04 -14.88
CA GLN A 141 -0.28 16.97 -16.08
C GLN A 141 1.12 16.52 -15.74
N HIS A 142 1.74 17.13 -14.72
CA HIS A 142 3.12 16.75 -14.40
C HIS A 142 3.16 15.49 -13.53
N LEU A 143 2.65 15.56 -12.29
CA LEU A 143 2.80 14.44 -11.35
C LEU A 143 1.81 14.52 -10.19
N CYS A 144 1.75 13.41 -9.46
CA CYS A 144 1.01 13.30 -8.21
C CYS A 144 1.64 12.17 -7.36
N HIS A 145 1.10 11.95 -6.15
CA HIS A 145 1.73 11.11 -5.13
C HIS A 145 0.76 10.07 -4.61
N ASN A 146 1.26 8.89 -4.26
CA ASN A 146 0.41 7.78 -3.82
C ASN A 146 0.56 7.65 -2.31
N TYR A 147 -0.40 8.20 -1.56
CA TYR A 147 -0.25 8.29 -0.12
C TYR A 147 -1.48 7.78 0.62
N VAL A 148 -1.29 7.49 1.90
CA VAL A 148 -2.34 6.98 2.77
C VAL A 148 -3.08 8.18 3.35
N GLY A 149 -4.30 8.39 2.90
CA GLY A 149 -5.05 9.54 3.37
C GLY A 149 -5.45 10.36 2.19
N GLY A 150 -5.43 9.73 1.03
CA GLY A 150 -5.94 10.38 -0.16
C GLY A 150 -4.83 10.62 -1.15
N TYR A 151 -4.91 11.74 -1.86
CA TYR A 151 -3.91 12.06 -2.86
C TYR A 151 -3.98 13.57 -3.15
N PHE A 152 -2.81 14.22 -3.19
CA PHE A 152 -2.60 15.63 -3.56
C PHE A 152 -1.59 15.75 -4.70
N CYS A 153 -1.44 16.97 -5.24
CA CYS A 153 -0.64 17.16 -6.45
C CYS A 153 0.54 18.08 -6.18
N SER A 154 1.37 18.22 -7.20
CA SER A 154 2.60 19.01 -7.22
C SER A 154 3.06 19.10 -8.66
N CYS A 155 3.59 20.25 -9.04
CA CYS A 155 3.93 20.53 -10.42
C CYS A 155 5.36 21.07 -10.54
N ARG A 156 5.77 21.22 -11.79
CA ARG A 156 6.96 21.95 -12.21
C ARG A 156 7.10 23.19 -11.34
N PRO A 157 8.30 23.48 -10.81
CA PRO A 157 8.44 24.50 -9.75
C PRO A 157 7.99 25.91 -10.18
N GLY A 158 7.50 26.67 -9.18
CA GLY A 158 7.10 28.07 -9.35
C GLY A 158 5.93 28.37 -8.44
N TYR A 159 4.79 28.78 -9.00
CA TYR A 159 3.57 28.87 -8.19
C TYR A 159 3.09 27.47 -7.81
N GLU A 160 2.21 27.37 -6.80
CA GLU A 160 1.80 26.07 -6.28
C GLU A 160 0.35 25.78 -6.62
N LEU A 161 -0.05 26.14 -7.83
CA LEU A 161 -1.25 25.56 -8.43
C LEU A 161 -2.43 25.61 -7.46
N GLN A 162 -3.12 26.75 -7.37
CA GLN A 162 -4.09 27.03 -6.32
C GLN A 162 -5.19 25.96 -6.19
N GLU A 163 -6.11 26.20 -5.26
CA GLU A 163 -6.78 25.21 -4.43
C GLU A 163 -6.99 23.83 -5.06
N ASP A 164 -7.41 23.74 -6.32
CA ASP A 164 -7.79 22.46 -6.90
C ASP A 164 -6.64 21.43 -6.94
N THR A 165 -5.38 21.88 -6.99
CA THR A 165 -4.20 20.99 -7.07
C THR A 165 -4.29 20.05 -8.27
N HIS A 166 -4.70 20.57 -9.40
CA HIS A 166 -4.81 19.76 -10.61
C HIS A 166 -4.07 20.36 -11.79
N SER A 167 -4.09 21.69 -11.94
CA SER A 167 -3.84 22.35 -13.22
C SER A 167 -2.37 22.71 -13.46
N CYS A 168 -1.56 22.88 -12.42
CA CYS A 168 -0.15 23.31 -12.53
C CYS A 168 0.00 24.72 -13.12
N GLN A 169 -0.53 25.70 -12.40
CA GLN A 169 -0.43 27.09 -12.85
C GLN A 169 1.04 27.56 -12.88
N GLU A 171 -0.35 33.84 -12.67
CA GLU A 171 0.11 35.08 -13.30
C GLU A 171 1.48 35.54 -12.81
N CYS A 172 2.22 36.19 -13.71
CA CYS A 172 3.56 36.68 -13.43
C CYS A 172 3.46 38.10 -12.88
N SER A 173 3.19 38.18 -11.57
CA SER A 173 3.11 39.46 -10.88
C SER A 173 4.49 39.99 -10.47
N SER A 174 5.21 39.26 -9.59
CA SER A 174 6.58 39.65 -9.25
C SER A 174 7.35 38.45 -8.71
N GLU A 175 8.18 37.84 -9.56
CA GLU A 175 9.14 36.86 -9.09
C GLU A 175 10.39 37.65 -8.68
N LEU A 176 10.69 37.59 -7.38
CA LEU A 176 11.65 38.50 -6.78
C LEU A 176 13.04 37.86 -6.74
N TYR A 177 14.07 38.70 -6.93
CA TYR A 177 15.47 38.27 -6.92
C TYR A 177 16.34 39.45 -6.50
N THR A 178 16.98 39.37 -5.33
CA THR A 178 17.89 40.43 -4.84
C THR A 178 19.28 39.89 -4.53
N GLU A 179 19.77 38.99 -5.37
CA GLU A 179 21.10 38.43 -5.26
C GLU A 179 21.94 38.96 -6.43
N ALA A 180 23.24 38.68 -6.38
CA ALA A 180 24.14 39.30 -7.34
C ALA A 180 23.96 38.70 -8.74
N SER A 181 24.24 37.41 -8.90
CA SER A 181 24.21 36.76 -10.21
C SER A 181 23.23 35.60 -10.20
N GLY A 182 22.43 35.49 -11.24
CA GLY A 182 21.41 34.45 -11.27
C GLY A 182 21.05 34.01 -12.68
N TYR A 183 20.30 32.92 -12.72
CA TYR A 183 19.77 32.35 -13.95
C TYR A 183 18.26 32.59 -14.02
N ILE A 184 17.79 33.06 -15.17
CA ILE A 184 16.37 33.28 -15.44
C ILE A 184 16.03 32.60 -16.77
N SER A 185 14.99 31.76 -16.75
CA SER A 185 14.51 31.07 -17.95
C SER A 185 13.01 31.27 -18.11
N SER A 186 12.52 31.23 -19.36
CA SER A 186 11.08 31.28 -19.60
C SER A 186 10.44 29.99 -19.10
N LEU A 187 9.12 30.03 -18.97
CA LEU A 187 8.41 28.89 -18.43
C LEU A 187 8.60 27.68 -19.33
N GLU A 188 9.14 26.62 -18.73
CA GLU A 188 9.33 25.33 -19.39
C GLU A 188 10.26 25.45 -20.60
N TYR A 189 11.52 25.74 -20.29
CA TYR A 189 12.60 25.72 -21.27
C TYR A 189 13.31 24.38 -21.26
N PRO A 190 13.66 23.80 -22.43
CA PRO A 190 13.55 24.32 -23.79
C PRO A 190 12.25 24.04 -24.55
N ARG A 191 11.23 23.47 -23.90
CA ARG A 191 9.98 23.19 -24.58
C ARG A 191 9.26 24.50 -24.91
N SER A 192 8.21 24.40 -25.72
CA SER A 192 7.54 25.60 -26.22
C SER A 192 7.03 26.47 -25.07
N TYR A 193 7.16 27.79 -25.25
CA TYR A 193 6.83 28.79 -24.24
C TYR A 193 5.31 28.95 -24.11
N PRO A 194 4.82 29.30 -22.92
CA PRO A 194 3.37 29.56 -22.75
C PRO A 194 2.95 30.92 -23.31
N PRO A 195 1.80 30.97 -24.01
CA PRO A 195 1.33 32.22 -24.61
C PRO A 195 0.46 33.09 -23.68
N ASP A 196 -0.04 34.21 -24.19
CA ASP A 196 -0.97 35.09 -23.47
C ASP A 196 -0.51 35.35 -22.03
N LEU A 197 0.65 36.02 -21.92
CA LEU A 197 1.22 36.38 -20.62
C LEU A 197 1.81 37.78 -20.63
N ARG A 198 1.50 38.55 -19.58
CA ARG A 198 2.10 39.85 -19.32
C ARG A 198 2.91 39.68 -18.04
N CYS A 199 4.20 39.43 -18.20
CA CYS A 199 5.10 39.09 -17.12
C CYS A 199 6.01 40.27 -16.76
N ASN A 200 6.47 40.28 -15.50
CA ASN A 200 7.40 41.29 -14.99
C ASN A 200 8.37 40.58 -14.04
N TYR A 201 9.63 40.45 -14.45
CA TYR A 201 10.70 39.95 -13.61
C TYR A 201 11.53 41.17 -13.23
N SER A 202 11.54 41.50 -11.93
CA SER A 202 12.21 42.70 -11.43
C SER A 202 13.26 42.29 -10.41
N ILE A 203 14.40 42.99 -10.45
CA ILE A 203 15.55 42.74 -9.58
C ILE A 203 16.10 44.08 -9.12
N ARG A 204 16.34 44.23 -7.82
CA ARG A 204 16.99 45.43 -7.29
C ARG A 204 18.23 44.95 -6.56
N VAL A 205 19.39 45.16 -7.17
CA VAL A 205 20.61 44.66 -6.60
C VAL A 205 21.09 45.64 -5.54
N GLU A 206 21.99 45.17 -4.66
CA GLU A 206 22.49 45.99 -3.58
C GLU A 206 23.17 47.21 -4.20
N ARG A 207 22.86 48.40 -3.66
CA ARG A 207 23.18 49.65 -4.36
C ARG A 207 24.69 49.91 -4.43
N GLY A 208 25.14 50.36 -5.61
CA GLY A 208 26.55 50.59 -5.87
C GLY A 208 27.17 49.72 -6.97
N LEU A 209 26.33 49.11 -7.81
CA LEU A 209 26.80 48.18 -8.84
C LEU A 209 26.06 48.43 -10.15
N THR A 210 26.69 47.98 -11.24
CA THR A 210 26.06 47.81 -12.55
C THR A 210 26.05 46.32 -12.88
N LEU A 211 25.33 45.94 -13.95
CA LEU A 211 25.14 44.51 -14.26
C LEU A 211 25.63 44.18 -15.67
N HIS A 212 26.50 43.18 -15.77
CA HIS A 212 27.00 42.65 -17.05
C HIS A 212 26.12 41.49 -17.50
N LEU A 213 25.76 41.49 -18.78
CA LEU A 213 24.73 40.60 -19.31
C LEU A 213 25.25 39.75 -20.46
N LYS A 214 24.88 38.45 -20.46
CA LYS A 214 25.35 37.50 -21.46
C LYS A 214 24.25 36.49 -21.78
N PHE A 215 23.73 36.54 -23.00
CA PHE A 215 22.65 35.69 -23.50
C PHE A 215 23.16 34.30 -23.90
N LEU A 216 22.21 33.39 -24.04
CA LEU A 216 22.49 32.03 -24.49
C LEU A 216 21.47 31.60 -25.56
N GLU A 217 21.82 30.51 -26.27
CA GLU A 217 21.09 29.93 -27.40
C GLU A 217 20.67 28.48 -27.14
N PRO A 218 19.77 27.90 -27.96
CA PRO A 218 19.14 28.59 -29.09
C PRO A 218 18.05 29.52 -28.64
N PHE A 219 18.14 30.74 -29.13
CA PHE A 219 17.12 31.71 -28.82
C PHE A 219 15.94 31.39 -29.73
N ASP A 220 14.71 31.62 -29.24
CA ASP A 220 13.56 31.28 -30.07
C ASP A 220 12.36 32.12 -29.63
N ILE A 221 11.96 33.06 -30.49
CA ILE A 221 10.71 33.81 -30.37
C ILE A 221 10.20 34.07 -31.79
N ASP A 222 8.94 33.74 -32.05
CA ASP A 222 8.43 33.84 -33.41
C ASP A 222 8.46 35.30 -33.88
N ASP A 223 9.11 35.52 -35.03
CA ASP A 223 9.39 36.86 -35.52
C ASP A 223 8.77 37.06 -36.89
N HIS A 224 8.77 38.31 -37.32
CA HIS A 224 8.40 38.70 -38.67
C HIS A 224 9.51 39.58 -39.22
N GLN A 225 9.96 39.24 -40.43
CA GLN A 225 11.14 39.90 -41.00
C GLN A 225 10.77 41.18 -41.73
N GLN A 226 9.49 41.50 -41.81
CA GLN A 226 9.04 42.77 -42.40
C GLN A 226 8.72 43.82 -41.35
N VAL A 227 8.02 43.44 -40.29
CA VAL A 227 7.86 44.29 -39.11
C VAL A 227 8.38 43.50 -37.91
N HIS A 228 9.34 44.08 -37.18
CA HIS A 228 9.95 43.36 -36.07
C HIS A 228 8.93 43.16 -34.96
N CYS A 229 8.79 41.91 -34.54
CA CYS A 229 8.09 41.50 -33.32
C CYS A 229 6.65 41.98 -33.27
N PRO A 230 5.79 41.55 -34.22
CA PRO A 230 4.35 41.77 -34.05
C PRO A 230 3.73 40.71 -33.16
N TYR A 231 4.21 39.47 -33.25
CA TYR A 231 3.57 38.37 -32.53
C TYR A 231 3.94 38.43 -31.06
N ASP A 232 5.21 38.17 -30.77
CA ASP A 232 5.74 38.23 -29.42
C ASP A 232 6.68 39.43 -29.28
N GLN A 233 6.74 39.96 -28.08
CA GLN A 233 7.63 41.05 -27.75
C GLN A 233 8.37 40.72 -26.47
N LEU A 234 9.66 41.10 -26.41
CA LEU A 234 10.50 40.94 -25.21
C LEU A 234 11.11 42.31 -24.85
N GLN A 235 10.33 43.13 -24.13
CA GLN A 235 10.68 44.53 -23.85
C GLN A 235 11.43 44.61 -22.52
N ILE A 236 12.45 45.46 -22.48
CA ILE A 236 13.38 45.54 -21.35
C ILE A 236 13.39 46.97 -20.84
N TYR A 237 13.04 47.15 -19.57
CA TYR A 237 12.92 48.49 -19.00
C TYR A 237 14.07 48.67 -18.01
N ALA A 238 14.96 49.60 -18.32
CA ALA A 238 16.15 49.85 -17.51
C ALA A 238 15.97 51.13 -16.71
N ASN A 239 16.17 51.02 -15.39
CA ASN A 239 16.13 52.14 -14.44
C ASN A 239 14.82 52.93 -14.55
N GLY A 240 13.81 52.35 -15.23
CA GLY A 240 12.54 53.00 -15.45
C GLY A 240 12.26 53.42 -16.87
N LYS A 241 13.16 53.10 -17.81
CA LYS A 241 13.03 53.52 -19.20
C LYS A 241 13.24 52.33 -20.15
N ASN A 242 12.66 52.46 -21.35
CA ASN A 242 12.64 51.43 -22.38
C ASN A 242 13.99 51.33 -23.11
N ILE A 243 14.50 50.10 -23.30
CA ILE A 243 15.81 49.93 -23.96
C ILE A 243 15.82 48.91 -25.10
N GLY A 244 14.74 48.17 -25.32
CA GLY A 244 14.70 47.25 -26.46
C GLY A 244 13.55 46.27 -26.57
N GLU A 245 13.00 46.13 -27.80
CA GLU A 245 11.94 45.17 -28.15
C GLU A 245 12.55 44.08 -29.04
N PHE A 246 12.92 42.94 -28.43
CA PHE A 246 13.68 41.89 -29.10
C PHE A 246 12.80 40.67 -29.42
N CYS A 247 13.10 40.03 -30.54
CA CYS A 247 12.44 38.81 -30.96
C CYS A 247 13.28 38.18 -32.06
N GLY A 248 12.94 36.95 -32.40
CA GLY A 248 13.70 36.26 -33.42
C GLY A 248 14.19 34.92 -32.91
N LYS A 249 15.28 34.46 -33.52
CA LYS A 249 15.83 33.13 -33.26
C LYS A 249 17.30 33.16 -32.85
N GLN A 250 18.05 34.17 -33.29
CA GLN A 250 19.47 34.30 -32.97
C GLN A 250 19.64 35.26 -31.81
N ARG A 251 20.65 35.01 -30.99
CA ARG A 251 20.81 35.76 -29.74
C ARG A 251 21.26 37.21 -30.02
N PRO A 252 20.60 38.21 -29.41
CA PRO A 252 21.14 39.60 -29.41
C PRO A 252 22.46 39.68 -28.64
N PRO A 253 23.25 40.79 -28.78
CA PRO A 253 24.59 40.82 -28.14
C PRO A 253 24.63 41.30 -26.68
N ASP A 254 25.80 41.20 -26.05
CA ASP A 254 25.90 41.52 -24.63
C ASP A 254 25.76 43.02 -24.40
N LEU A 255 25.31 43.39 -23.20
CA LEU A 255 25.18 44.80 -22.83
C LEU A 255 25.59 45.00 -21.37
N ASP A 256 25.74 46.28 -21.02
CA ASP A 256 25.97 46.72 -19.65
C ASP A 256 24.88 47.72 -19.27
N THR A 257 24.36 47.58 -18.05
CA THR A 257 23.19 48.35 -17.63
C THR A 257 23.56 49.74 -17.14
N SER A 258 24.61 49.83 -16.31
CA SER A 258 24.95 51.05 -15.60
C SER A 258 23.79 51.51 -14.72
N SER A 259 23.33 50.62 -13.84
CA SER A 259 22.38 50.99 -12.80
C SER A 259 22.32 49.84 -11.79
N ASN A 260 21.61 50.08 -10.69
CA ASN A 260 21.47 49.10 -9.61
C ASN A 260 20.09 48.45 -9.53
N ALA A 261 19.22 48.67 -10.51
CA ALA A 261 17.87 48.16 -10.46
C ALA A 261 17.23 48.26 -11.84
N VAL A 262 16.38 47.27 -12.18
CA VAL A 262 15.83 47.10 -13.53
C VAL A 262 14.44 46.44 -13.57
N ASP A 263 13.87 46.35 -14.77
CA ASP A 263 12.60 45.65 -14.94
C ASP A 263 12.60 44.96 -16.29
N LEU A 264 12.22 43.68 -16.28
CA LEU A 264 12.07 42.85 -17.47
C LEU A 264 10.59 42.53 -17.65
N LEU A 265 10.17 42.37 -18.90
CA LEU A 265 8.78 42.07 -19.23
C LEU A 265 8.71 41.15 -20.46
N PHE A 266 7.62 40.37 -20.55
CA PHE A 266 7.42 39.40 -21.63
C PHE A 266 6.04 39.58 -22.26
N PHE A 267 6.02 39.81 -23.58
CA PHE A 267 4.80 39.94 -24.37
C PHE A 267 4.77 38.74 -25.32
N THR A 268 3.88 37.77 -25.05
CA THR A 268 3.79 36.55 -25.84
C THR A 268 2.47 36.52 -26.59
N ASP A 269 2.42 35.68 -27.63
CA ASP A 269 1.24 35.51 -28.47
C ASP A 269 0.18 34.64 -27.82
N GLU A 270 -0.75 34.14 -28.62
CA GLU A 270 -1.76 33.19 -28.17
C GLU A 270 -1.64 31.84 -28.87
N SER A 271 -0.48 31.55 -29.46
CA SER A 271 -0.28 30.27 -30.13
C SER A 271 1.23 30.05 -30.20
N GLY A 272 1.74 29.12 -29.40
CA GLY A 272 3.17 28.92 -29.28
C GLY A 272 3.69 27.77 -30.11
N ASP A 273 4.68 28.07 -30.95
CA ASP A 273 5.43 27.09 -31.71
C ASP A 273 6.91 27.08 -31.39
N SER A 274 7.46 28.19 -30.92
CA SER A 274 8.89 28.37 -30.76
C SER A 274 9.38 27.68 -29.47
N ARG A 275 10.61 27.97 -29.05
CA ARG A 275 11.22 27.31 -27.91
C ARG A 275 11.45 28.23 -26.72
N GLY A 276 12.13 29.35 -26.88
CA GLY A 276 12.20 30.31 -25.80
C GLY A 276 13.52 31.08 -25.81
N TRP A 277 14.02 31.37 -24.60
CA TRP A 277 15.12 32.30 -24.38
C TRP A 277 15.63 32.09 -22.95
N LYS A 278 16.96 32.07 -22.79
CA LYS A 278 17.58 31.83 -21.48
C LYS A 278 18.74 32.80 -21.31
N LEU A 279 18.98 33.23 -20.08
CA LEU A 279 19.81 34.39 -19.83
C LEU A 279 20.62 34.22 -18.55
N ARG A 280 21.70 34.99 -18.45
CA ARG A 280 22.57 35.02 -17.29
C ARG A 280 23.01 36.45 -17.03
N TYR A 281 23.05 36.86 -15.76
CA TYR A 281 23.48 38.20 -15.42
C TYR A 281 24.48 38.18 -14.28
N THR A 282 25.46 39.10 -14.33
CA THR A 282 26.57 39.21 -13.38
C THR A 282 26.73 40.65 -12.90
N THR A 283 27.68 40.87 -11.97
CA THR A 283 27.94 42.19 -11.41
C THR A 283 29.38 42.62 -11.69
N GLU A 284 29.59 43.94 -11.62
CA GLU A 284 30.90 44.57 -11.80
C GLU A 284 30.91 45.87 -10.98
N ILE A 285 32.03 46.16 -10.31
CA ILE A 285 32.11 47.43 -9.57
C ILE A 285 32.76 48.51 -10.42
N PRO B 1 5.26 12.00 18.18
CA PRO B 1 3.96 12.68 18.19
C PRO B 1 3.07 12.28 16.99
N GLN B 2 2.24 13.22 16.52
CA GLN B 2 1.30 12.99 15.43
C GLN B 2 1.82 13.73 14.21
N LYS B 3 2.43 13.03 13.26
CA LYS B 3 2.97 13.67 12.07
C LYS B 3 2.42 12.96 10.82
N LEU B 4 1.39 13.58 10.24
CA LEU B 4 0.82 13.15 8.97
C LEU B 4 1.83 13.31 7.84
N PHE B 5 2.20 14.55 7.52
CA PHE B 5 3.26 14.79 6.56
C PHE B 5 4.07 16.00 7.04
N GLY B 6 4.98 16.48 6.20
CA GLY B 6 5.77 17.66 6.53
C GLY B 6 6.82 17.92 5.46
N GLU B 7 7.40 19.10 5.54
CA GLU B 7 8.41 19.54 4.59
C GLU B 7 9.68 19.93 5.34
N VAL B 8 10.84 19.54 4.82
CA VAL B 8 12.15 19.84 5.44
C VAL B 8 12.85 20.87 4.56
N THR B 9 12.94 22.10 5.07
CA THR B 9 13.71 23.15 4.43
C THR B 9 15.17 23.12 4.87
N SER B 10 16.07 23.19 3.90
CA SER B 10 17.39 23.71 4.20
C SER B 10 17.22 25.03 4.96
N PRO B 11 17.87 25.20 6.11
CA PRO B 11 17.68 26.42 6.89
C PRO B 11 17.89 27.66 6.02
N LEU B 12 17.04 28.67 6.25
CA LEU B 12 17.03 29.96 5.55
C LEU B 12 16.47 29.89 4.13
N PHE B 13 15.67 28.89 3.81
CA PHE B 13 15.13 28.77 2.45
C PHE B 13 14.17 29.93 2.17
N PRO B 14 14.18 30.48 0.94
CA PRO B 14 14.95 30.13 -0.26
C PRO B 14 16.28 30.86 -0.37
N LYS B 15 16.55 31.77 0.56
CA LYS B 15 17.85 32.41 0.64
C LYS B 15 18.94 31.34 0.74
N PRO B 16 20.12 31.56 0.11
CA PRO B 16 21.17 30.53 0.11
C PRO B 16 21.56 30.01 1.49
N TYR B 17 22.17 28.81 1.52
CA TYR B 17 22.63 28.14 2.73
C TYR B 17 23.94 28.74 3.24
N PRO B 18 24.09 28.90 4.56
CA PRO B 18 25.36 29.37 5.09
C PRO B 18 26.35 28.24 5.13
N ASN B 19 27.55 28.52 4.66
CA ASN B 19 28.58 27.52 4.68
C ASN B 19 29.02 27.26 6.10
N ASN B 20 29.80 26.20 6.29
CA ASN B 20 30.21 25.73 7.62
C ASN B 20 28.98 25.40 8.45
N PHE B 21 28.24 24.39 7.98
CA PHE B 21 26.96 24.05 8.59
C PHE B 21 26.72 22.55 8.44
N GLU B 22 26.15 21.94 9.47
CA GLU B 22 25.74 20.54 9.42
C GLU B 22 24.57 20.34 10.38
N THR B 23 23.36 20.34 9.84
CA THR B 23 22.12 20.25 10.60
C THR B 23 21.41 18.97 10.20
N THR B 24 20.93 18.22 11.18
CA THR B 24 20.27 16.96 10.94
C THR B 24 18.82 17.07 11.39
N THR B 25 17.89 16.74 10.49
CA THR B 25 16.46 16.67 10.80
C THR B 25 16.04 15.21 10.75
N VAL B 26 15.33 14.75 11.80
CA VAL B 26 14.92 13.36 11.95
C VAL B 26 13.40 13.27 11.98
N ILE B 27 12.84 12.53 11.01
CA ILE B 27 11.42 12.22 11.00
C ILE B 27 11.17 11.09 12.00
N THR B 28 10.11 11.22 12.81
CA THR B 28 9.59 10.12 13.63
C THR B 28 8.09 9.97 13.33
N VAL B 29 7.76 9.26 12.25
CA VAL B 29 6.37 8.94 11.94
C VAL B 29 5.91 7.89 12.94
N PRO B 30 4.61 7.66 13.12
CA PRO B 30 4.16 6.63 14.08
C PRO B 30 4.84 5.29 13.89
N THR B 31 5.02 4.58 15.01
CA THR B 31 5.81 3.34 15.02
C THR B 31 5.06 2.23 14.27
N GLY B 32 5.81 1.38 13.57
CA GLY B 32 5.23 0.35 12.72
C GLY B 32 4.92 0.81 11.32
N TYR B 33 5.63 1.81 10.84
CA TYR B 33 5.31 2.48 9.60
C TYR B 33 6.57 2.65 8.78
N ARG B 34 6.38 3.07 7.54
CA ARG B 34 7.46 3.52 6.69
C ARG B 34 7.34 5.01 6.40
N VAL B 35 8.46 5.65 6.10
CA VAL B 35 8.48 7.03 5.64
C VAL B 35 8.70 7.02 4.12
N LYS B 36 8.10 7.97 3.42
CA LYS B 36 8.38 8.14 1.98
C LYS B 36 8.88 9.55 1.73
N LEU B 37 9.79 9.69 0.77
CA LEU B 37 10.48 10.97 0.65
C LEU B 37 10.82 11.23 -0.81
N VAL B 38 10.42 12.41 -1.31
CA VAL B 38 10.79 12.89 -2.64
C VAL B 38 10.91 14.40 -2.60
N PHE B 39 11.52 14.95 -3.66
CA PHE B 39 11.65 16.38 -3.79
C PHE B 39 10.52 16.88 -4.69
N PHE B 42 16.25 20.65 -5.80
CA PHE B 42 17.59 20.39 -5.28
C PHE B 42 18.62 21.20 -6.08
N ASP B 43 18.99 22.36 -5.55
CA ASP B 43 19.93 23.30 -6.17
C ASP B 43 21.12 23.34 -5.23
N LEU B 44 22.11 22.50 -5.53
CA LEU B 44 23.30 22.36 -4.68
C LEU B 44 24.53 22.23 -5.58
N GLU B 45 25.68 21.99 -4.95
CA GLU B 45 26.97 21.99 -5.62
C GLU B 45 27.33 20.61 -6.19
N PRO B 46 27.36 20.42 -7.50
CA PRO B 46 27.76 19.12 -8.05
C PRO B 46 29.26 18.89 -7.92
N SER B 47 29.61 17.64 -7.67
CA SER B 47 31.01 17.23 -7.61
C SER B 47 31.11 15.72 -7.69
N GLU B 48 32.14 15.22 -8.36
CA GLU B 48 32.36 13.78 -8.42
C GLU B 48 32.55 13.21 -7.02
N GLY B 49 31.64 12.34 -6.62
CA GLY B 49 31.62 11.76 -5.28
C GLY B 49 30.98 12.60 -4.20
N CYS B 50 30.51 13.81 -4.50
CA CYS B 50 29.87 14.72 -3.55
C CYS B 50 30.72 14.91 -2.29
N PHE B 51 31.97 15.34 -2.51
CA PHE B 51 32.83 15.67 -1.37
C PHE B 51 32.64 17.11 -0.89
N TYR B 52 32.51 18.07 -1.81
CA TYR B 52 32.39 19.47 -1.41
C TYR B 52 31.24 19.68 -0.46
N ASP B 53 30.04 19.53 -1.01
CA ASP B 53 28.80 19.58 -0.27
C ASP B 53 28.04 18.30 -0.57
N TYR B 54 27.22 17.87 0.38
CA TYR B 54 26.46 16.65 0.16
C TYR B 54 25.33 16.59 1.18
N VAL B 55 24.24 15.94 0.78
CA VAL B 55 23.13 15.64 1.67
C VAL B 55 23.15 14.13 1.93
N LYS B 56 23.43 13.74 3.18
CA LYS B 56 23.55 12.34 3.59
C LYS B 56 22.23 11.90 4.21
N ILE B 57 21.69 10.79 3.72
CA ILE B 57 20.34 10.38 4.06
C ILE B 57 20.29 8.87 4.25
N SER B 58 19.49 8.43 5.23
CA SER B 58 19.44 7.01 5.54
C SER B 58 18.09 6.65 6.14
N ALA B 59 17.79 5.37 6.06
CA ALA B 59 16.60 4.75 6.63
C ALA B 59 16.89 4.30 8.07
N ASP B 60 16.08 3.36 8.60
CA ASP B 60 16.22 2.80 9.94
C ASP B 60 17.67 2.69 10.40
N LYS B 61 18.38 1.73 9.79
CA LYS B 61 19.72 1.39 10.21
C LYS B 61 20.63 1.10 9.01
N LYS B 62 20.40 1.77 7.88
CA LYS B 62 21.10 1.46 6.64
C LYS B 62 21.33 2.72 5.81
N SER B 63 22.43 2.70 5.06
CA SER B 63 22.81 3.82 4.21
C SER B 63 21.98 3.84 2.95
N LEU B 64 21.28 4.94 2.73
CA LEU B 64 20.64 5.07 1.43
C LEU B 64 21.63 5.63 0.43
N GLY B 65 22.05 6.86 0.65
CA GLY B 65 22.94 7.52 -0.30
C GLY B 65 23.33 8.89 0.21
N ARG B 66 24.32 9.45 -0.47
CA ARG B 66 24.79 10.82 -0.23
C ARG B 66 24.99 11.45 -1.59
N PHE B 67 24.27 12.52 -1.87
CA PHE B 67 24.38 13.11 -3.19
C PHE B 67 24.23 14.62 -3.11
N CYS B 68 24.34 15.23 -4.28
CA CYS B 68 24.45 16.65 -4.44
C CYS B 68 24.03 16.98 -5.88
N GLY B 69 24.34 18.20 -6.33
CA GLY B 69 24.25 18.56 -7.74
C GLY B 69 22.95 19.23 -8.13
N GLN B 70 23.03 20.00 -9.23
CA GLN B 70 21.88 20.71 -9.77
C GLN B 70 20.99 19.74 -10.56
N LEU B 71 19.75 20.19 -10.81
CA LEU B 71 18.68 19.37 -11.39
C LEU B 71 18.94 18.86 -12.79
N GLY B 72 19.02 19.76 -13.79
CA GLY B 72 19.16 19.35 -15.17
C GLY B 72 20.59 19.05 -15.56
N SER B 73 21.40 18.68 -14.58
CA SER B 73 22.84 18.53 -14.73
C SER B 73 23.22 17.05 -14.85
N PRO B 74 23.73 16.60 -16.00
CA PRO B 74 24.29 15.25 -16.07
C PRO B 74 25.68 15.14 -15.44
N LEU B 75 26.02 13.91 -15.05
CA LEU B 75 27.30 13.58 -14.39
C LEU B 75 27.53 14.46 -13.16
N GLY B 76 26.46 14.72 -12.41
CA GLY B 76 26.57 15.38 -11.13
C GLY B 76 25.93 14.57 -10.02
N ASN B 77 25.64 13.31 -10.30
CA ASN B 77 24.91 12.44 -9.37
C ASN B 77 23.63 13.11 -8.89
N PRO B 78 22.74 13.50 -9.80
CA PRO B 78 21.57 14.29 -9.41
C PRO B 78 20.41 13.40 -8.98
N PRO B 79 19.76 13.72 -7.84
CA PRO B 79 18.72 12.82 -7.31
C PRO B 79 17.38 12.80 -8.04
N GLY B 80 16.78 13.97 -8.34
CA GLY B 80 15.46 14.00 -8.96
C GLY B 80 14.29 14.01 -7.98
N LYS B 81 13.27 13.20 -8.25
CA LYS B 81 12.12 13.16 -7.34
C LYS B 81 11.65 11.73 -7.13
N LYS B 82 12.60 10.80 -7.12
CA LYS B 82 12.23 9.38 -7.02
C LYS B 82 11.91 8.98 -5.58
N GLU B 83 10.99 8.03 -5.44
CA GLU B 83 10.53 7.57 -4.12
C GLU B 83 11.55 6.62 -3.52
N PHE B 84 11.68 6.67 -2.19
CA PHE B 84 12.54 5.72 -1.49
C PHE B 84 12.00 5.51 -0.09
N MET B 85 11.54 4.26 0.16
CA MET B 85 10.85 3.82 1.38
C MET B 85 11.78 3.13 2.37
N SER B 86 11.60 3.44 3.65
CA SER B 86 12.44 2.93 4.73
C SER B 86 12.03 1.55 5.15
N GLN B 87 12.95 0.86 5.82
CA GLN B 87 12.52 -0.36 6.46
C GLN B 87 11.71 -0.05 7.71
N GLY B 88 11.90 1.11 8.32
CA GLY B 88 11.14 1.39 9.52
C GLY B 88 10.52 2.74 9.73
N ASN B 89 10.09 2.94 10.98
CA ASN B 89 9.24 4.03 11.43
C ASN B 89 9.97 5.36 11.59
N LYS B 90 11.28 5.37 11.42
CA LYS B 90 12.07 6.53 11.79
C LYS B 90 12.97 6.86 10.61
N MET B 91 13.02 8.15 10.24
CA MET B 91 13.77 8.62 9.08
C MET B 91 14.86 9.59 9.54
N LEU B 92 15.93 9.66 8.76
CA LEU B 92 17.12 10.39 9.19
C LEU B 92 17.68 11.17 8.00
N LEU B 93 17.65 12.50 8.10
CA LEU B 93 18.19 13.42 7.09
C LEU B 93 19.40 14.14 7.64
N THR B 94 20.42 14.32 6.81
CA THR B 94 21.58 15.08 7.25
C THR B 94 22.06 15.97 6.11
N PHE B 95 22.33 17.23 6.43
CA PHE B 95 22.65 18.27 5.46
C PHE B 95 24.04 18.82 5.80
N HIS B 96 24.98 18.68 4.86
CA HIS B 96 26.37 19.06 5.09
C HIS B 96 26.86 20.01 4.01
N THR B 97 27.36 21.17 4.43
CA THR B 97 27.97 22.15 3.53
C THR B 97 29.37 22.50 4.02
N ASP B 98 30.36 22.32 3.16
CA ASP B 98 31.74 22.62 3.53
C ASP B 98 31.91 24.13 3.55
N PHE B 99 33.16 24.60 3.75
CA PHE B 99 33.36 26.05 3.85
C PHE B 99 33.34 26.74 2.49
N SER B 100 33.60 26.02 1.40
CA SER B 100 33.67 26.63 0.07
C SER B 100 32.50 26.12 -0.78
N ASN B 101 31.55 27.02 -1.04
CA ASN B 101 30.58 26.95 -2.14
C ASN B 101 30.98 27.87 -3.30
N GLU B 102 32.17 28.48 -3.21
CA GLU B 102 32.66 29.51 -4.12
C GLU B 102 33.54 28.93 -5.23
N GLU B 103 32.98 27.98 -5.98
CA GLU B 103 33.68 27.33 -7.10
C GLU B 103 33.65 28.11 -8.42
N ASN B 104 34.71 27.90 -9.20
CA ASN B 104 35.05 28.57 -10.47
C ASN B 104 35.25 30.08 -10.35
N GLY B 105 35.68 30.60 -9.20
CA GLY B 105 35.71 32.05 -9.02
C GLY B 105 34.38 32.73 -9.26
N THR B 106 33.28 31.99 -9.08
CA THR B 106 31.95 32.34 -9.59
C THR B 106 30.93 32.14 -8.46
N ILE B 107 31.18 32.80 -7.32
CA ILE B 107 30.53 32.58 -6.03
C ILE B 107 29.05 32.27 -6.19
N MET B 108 28.61 31.15 -5.62
CA MET B 108 27.23 30.62 -5.67
C MET B 108 26.30 31.29 -6.69
N TYR B 110 23.77 28.56 -4.24
CA TYR B 110 22.63 27.67 -4.45
C TYR B 110 21.50 27.87 -3.42
N LYS B 111 20.27 27.84 -3.92
CA LYS B 111 19.11 28.18 -3.08
C LYS B 111 18.99 27.26 -1.89
N GLY B 112 19.05 25.94 -2.13
CA GLY B 112 19.02 24.98 -1.05
C GLY B 112 18.20 23.75 -1.41
N PHE B 113 17.33 23.30 -0.49
CA PHE B 113 16.43 22.19 -0.81
C PHE B 113 15.20 22.29 0.08
N LEU B 114 14.03 22.00 -0.49
CA LEU B 114 12.75 21.95 0.21
C LEU B 114 12.08 20.62 -0.15
N ALA B 115 11.92 19.73 0.82
CA ALA B 115 11.50 18.36 0.54
C ALA B 115 10.16 18.04 1.22
N TYR B 116 9.75 16.78 1.10
CA TYR B 116 8.51 16.30 1.69
C TYR B 116 8.68 14.85 2.16
N TYR B 117 8.00 14.52 3.27
CA TYR B 117 8.03 13.16 3.80
C TYR B 117 6.63 12.71 4.25
N GLN B 118 6.35 11.42 4.06
CA GLN B 118 5.06 10.86 4.47
C GLN B 118 5.23 9.67 5.39
N ALA B 119 4.13 8.98 5.70
CA ALA B 119 4.10 7.93 6.72
C ALA B 119 3.31 6.70 6.25
N VAL B 120 3.60 6.19 5.05
CA VAL B 120 2.86 5.04 4.54
C VAL B 120 3.14 3.82 5.41
N ASP B 121 2.09 3.03 5.64
CA ASP B 121 2.14 1.86 6.52
C ASP B 121 2.90 0.71 5.87
N LEU B 122 3.14 -0.32 6.65
CA LEU B 122 3.68 -1.55 6.09
C LEU B 122 2.91 -2.73 6.65
N ASP B 123 2.75 -3.78 5.83
CA ASP B 123 1.96 -4.95 6.18
C ASP B 123 2.79 -6.16 5.80
N GLU B 124 3.32 -6.85 6.80
CA GLU B 124 4.25 -7.92 6.52
C GLU B 124 3.58 -9.09 5.82
N CYS B 125 2.26 -9.13 5.79
CA CYS B 125 1.59 -10.15 5.00
C CYS B 125 1.60 -9.84 3.51
N ALA B 126 1.98 -8.63 3.10
CA ALA B 126 2.01 -8.33 1.68
C ALA B 126 3.10 -9.13 0.98
N SER B 127 4.30 -9.22 1.58
CA SER B 127 5.42 -9.98 1.02
C SER B 127 6.32 -10.50 2.15
N ARG B 128 7.51 -11.00 1.78
CA ARG B 128 8.48 -11.61 2.71
C ARG B 128 9.89 -11.51 2.13
N SER B 129 10.70 -10.58 2.65
CA SER B 129 11.95 -10.11 2.05
C SER B 129 12.84 -11.19 1.45
N LYS B 130 13.34 -12.07 2.29
CA LYS B 130 14.13 -13.19 1.82
C LYS B 130 13.50 -14.51 2.22
N SER B 131 12.89 -14.58 3.40
CA SER B 131 12.19 -15.76 3.84
C SER B 131 11.20 -15.36 4.93
N GLY B 132 10.29 -16.29 5.23
CA GLY B 132 9.30 -16.08 6.26
C GLY B 132 9.73 -16.53 7.64
N GLU B 133 10.63 -17.51 7.71
CA GLU B 133 11.05 -18.07 8.98
C GLU B 133 12.31 -17.42 9.53
N GLU B 134 12.95 -16.54 8.77
CA GLU B 134 14.17 -15.87 9.21
C GLU B 134 13.90 -14.51 9.84
N ASP B 135 12.80 -13.83 9.48
CA ASP B 135 12.55 -12.53 10.09
C ASP B 135 11.87 -12.66 11.45
N PRO B 136 11.99 -11.63 12.31
CA PRO B 136 11.53 -11.73 13.71
C PRO B 136 10.03 -11.88 13.85
N GLN B 137 9.62 -12.61 14.91
CA GLN B 137 8.22 -12.96 15.16
C GLN B 137 7.54 -13.38 13.86
N PRO B 138 7.76 -14.60 13.39
CA PRO B 138 7.06 -15.03 12.17
C PRO B 138 5.58 -15.23 12.49
N GLN B 139 4.75 -14.25 12.12
CA GLN B 139 3.40 -14.14 12.67
C GLN B 139 2.50 -15.29 12.26
N CYS B 140 2.66 -15.81 11.05
CA CYS B 140 1.76 -16.88 10.68
C CYS B 140 2.33 -17.95 9.76
N GLN B 141 1.95 -19.19 10.04
CA GLN B 141 2.15 -20.32 9.14
C GLN B 141 1.18 -20.27 7.95
N HIS B 142 -0.12 -20.14 8.26
CA HIS B 142 -1.17 -20.30 7.25
C HIS B 142 -1.38 -19.02 6.42
N LEU B 143 -1.85 -17.95 7.07
CA LEU B 143 -2.25 -16.70 6.43
C LEU B 143 -2.21 -15.60 7.47
N CYS B 144 -2.35 -14.38 7.00
CA CYS B 144 -2.36 -13.27 7.91
C CYS B 144 -3.14 -12.13 7.27
N HIS B 145 -3.18 -11.00 7.97
CA HIS B 145 -4.04 -9.88 7.62
C HIS B 145 -3.18 -8.63 7.49
N ASN B 146 -3.50 -7.76 6.53
CA ASN B 146 -2.70 -6.58 6.22
C ASN B 146 -3.44 -5.35 6.70
N TYR B 147 -3.06 -4.81 7.86
CA TYR B 147 -3.85 -3.74 8.44
C TYR B 147 -3.00 -2.52 8.77
N VAL B 148 -3.72 -1.43 9.04
CA VAL B 148 -3.14 -0.12 9.28
C VAL B 148 -2.71 -0.06 10.73
N GLY B 149 -1.42 -0.24 10.97
CA GLY B 149 -0.91 -0.29 12.32
C GLY B 149 -0.28 -1.64 12.56
N GLY B 150 0.12 -2.34 11.50
CA GLY B 150 0.86 -3.59 11.64
C GLY B 150 0.08 -4.77 11.08
N TYR B 151 0.14 -5.89 11.81
CA TYR B 151 -0.53 -7.12 11.39
C TYR B 151 -0.67 -8.09 12.57
N PHE B 152 -1.87 -8.70 12.72
CA PHE B 152 -2.15 -9.77 13.68
C PHE B 152 -2.71 -11.02 12.98
N CYS B 153 -2.78 -12.15 13.71
CA CYS B 153 -3.12 -13.44 13.11
C CYS B 153 -4.28 -14.12 13.84
N SER B 154 -4.74 -15.28 13.30
CA SER B 154 -5.81 -16.14 13.82
C SER B 154 -5.87 -17.47 13.07
N CYS B 155 -6.01 -18.59 13.80
CA CYS B 155 -6.13 -19.91 13.18
C CYS B 155 -7.22 -20.77 13.82
N ARG B 156 -7.60 -21.85 13.10
CA ARG B 156 -8.44 -22.97 13.55
C ARG B 156 -9.67 -22.52 14.36
N PRO B 157 -10.86 -22.39 13.72
CA PRO B 157 -12.00 -21.64 14.31
C PRO B 157 -12.37 -22.00 15.74
N GLY B 158 -11.62 -22.92 16.32
CA GLY B 158 -11.69 -23.27 17.72
C GLY B 158 -10.82 -22.30 18.50
N TYR B 159 -9.73 -22.81 19.09
CA TYR B 159 -8.79 -22.01 19.86
C TYR B 159 -8.03 -21.00 18.97
N GLU B 160 -7.45 -19.98 19.61
CA GLU B 160 -6.81 -18.84 18.95
C GLU B 160 -5.33 -18.63 19.26
N LEU B 161 -4.52 -19.68 19.24
CA LEU B 161 -3.07 -19.52 19.13
C LEU B 161 -2.45 -18.59 20.17
N GLN B 162 -2.14 -19.14 21.35
CA GLN B 162 -1.71 -18.41 22.55
C GLN B 162 -0.54 -17.46 22.30
N GLU B 163 -0.12 -16.76 23.36
CA GLU B 163 0.48 -15.42 23.37
C GLU B 163 1.28 -14.98 22.15
N ASP B 164 2.17 -15.81 21.61
CA ASP B 164 3.05 -15.31 20.55
C ASP B 164 2.27 -14.86 19.30
N THR B 165 1.08 -15.42 19.06
CA THR B 165 0.27 -15.17 17.84
C THR B 165 1.10 -15.47 16.60
N HIS B 166 1.87 -16.55 16.68
CA HIS B 166 2.78 -17.00 15.63
C HIS B 166 2.45 -18.39 15.12
N SER B 167 2.11 -19.31 16.03
CA SER B 167 2.29 -20.75 15.76
C SER B 167 1.08 -21.49 15.21
N CYS B 168 -0.15 -21.13 15.63
CA CYS B 168 -1.36 -21.85 15.18
C CYS B 168 -1.34 -23.34 15.57
N GLN B 169 -1.43 -23.57 16.89
CA GLN B 169 -1.40 -24.92 17.47
C GLN B 169 -2.49 -25.84 16.92
N GLU B 171 -5.34 -26.68 21.27
CA GLU B 171 -5.49 -27.93 22.00
C GLU B 171 -7.00 -28.30 22.05
N CYS B 172 -7.29 -29.61 22.09
CA CYS B 172 -8.65 -30.18 21.99
C CYS B 172 -9.28 -30.31 23.38
N SER B 173 -9.87 -29.21 23.85
CA SER B 173 -10.46 -29.25 25.19
C SER B 173 -11.82 -29.96 25.18
N SER B 174 -12.79 -29.39 24.48
CA SER B 174 -14.05 -30.10 24.30
C SER B 174 -14.70 -29.48 23.06
N GLU B 175 -14.55 -30.14 21.92
CA GLU B 175 -15.28 -29.73 20.72
C GLU B 175 -16.64 -30.42 20.71
N LEU B 176 -17.69 -29.62 20.83
CA LEU B 176 -19.07 -30.04 21.09
C LEU B 176 -19.88 -30.14 19.79
N TYR B 177 -20.81 -31.10 19.77
CA TYR B 177 -21.69 -31.33 18.62
C TYR B 177 -23.00 -31.96 19.10
N THR B 178 -24.10 -31.22 18.98
CA THR B 178 -25.42 -31.72 19.37
C THR B 178 -26.37 -31.67 18.18
N GLU B 179 -25.89 -32.04 17.01
CA GLU B 179 -26.71 -32.10 15.82
C GLU B 179 -26.93 -33.56 15.44
N ALA B 180 -27.87 -33.78 14.51
CA ALA B 180 -28.31 -35.14 14.21
C ALA B 180 -27.24 -35.89 13.43
N SER B 181 -26.92 -35.43 12.23
CA SER B 181 -25.96 -36.11 11.37
C SER B 181 -24.82 -35.16 11.04
N GLY B 182 -23.60 -35.65 11.16
CA GLY B 182 -22.43 -34.81 10.98
C GLY B 182 -21.24 -35.65 10.53
N TYR B 183 -20.18 -34.93 10.15
CA TYR B 183 -18.90 -35.53 9.77
C TYR B 183 -17.84 -35.23 10.83
N ILE B 184 -17.07 -36.24 11.25
CA ILE B 184 -15.95 -36.07 12.20
C ILE B 184 -14.68 -36.70 11.66
N SER B 185 -13.59 -35.94 11.68
CA SER B 185 -12.28 -36.37 11.21
C SER B 185 -11.21 -36.05 12.24
N SER B 186 -10.06 -36.73 12.12
CA SER B 186 -8.92 -36.28 12.90
C SER B 186 -8.51 -34.92 12.40
N LEU B 187 -7.74 -34.22 13.21
CA LEU B 187 -7.32 -32.90 12.80
C LEU B 187 -6.47 -33.01 11.56
N GLU B 188 -6.85 -32.26 10.53
CA GLU B 188 -6.02 -32.08 9.34
C GLU B 188 -5.78 -33.39 8.59
N TYR B 189 -6.87 -33.89 8.04
CA TYR B 189 -7.13 -35.00 7.12
C TYR B 189 -7.14 -34.45 5.69
N PRO B 190 -6.65 -35.19 4.69
CA PRO B 190 -6.18 -36.57 4.72
C PRO B 190 -4.72 -36.63 5.07
N ARG B 191 -4.22 -35.45 5.38
CA ARG B 191 -2.83 -35.31 5.69
C ARG B 191 -2.52 -35.94 7.04
N SER B 192 -1.23 -36.14 7.29
CA SER B 192 -0.81 -36.85 8.50
C SER B 192 -1.24 -36.10 9.77
N TYR B 193 -1.57 -36.88 10.80
CA TYR B 193 -2.10 -36.46 12.08
C TYR B 193 -1.02 -35.88 13.00
N PRO B 194 -1.35 -34.90 13.84
CA PRO B 194 -0.40 -34.46 14.87
C PRO B 194 -0.39 -35.43 16.04
N PRO B 195 0.78 -35.81 16.50
CA PRO B 195 0.87 -36.77 17.61
C PRO B 195 0.83 -36.07 18.95
N ASP B 196 1.07 -36.81 20.04
CA ASP B 196 1.15 -36.27 21.41
C ASP B 196 -0.04 -35.35 21.70
N LEU B 197 -1.25 -35.91 21.61
CA LEU B 197 -2.45 -35.16 21.93
C LEU B 197 -3.46 -36.06 22.65
N ARG B 198 -4.08 -35.52 23.69
CA ARG B 198 -5.15 -36.18 24.42
C ARG B 198 -6.44 -35.43 24.15
N CYS B 199 -7.19 -35.94 23.20
CA CYS B 199 -8.41 -35.30 22.71
C CYS B 199 -9.64 -36.00 23.23
N ASN B 200 -10.72 -35.22 23.32
CA ASN B 200 -12.02 -35.72 23.78
C ASN B 200 -13.11 -35.02 22.97
N TYR B 201 -13.72 -35.73 22.02
CA TYR B 201 -14.90 -35.25 21.30
C TYR B 201 -16.07 -36.13 21.73
N SER B 202 -17.06 -35.54 22.39
CA SER B 202 -18.23 -36.25 22.88
C SER B 202 -19.53 -35.60 22.39
N ILE B 203 -20.56 -36.43 22.13
CA ILE B 203 -21.87 -36.00 21.62
C ILE B 203 -22.96 -36.69 22.44
N ARG B 204 -23.96 -35.91 22.86
CA ARG B 204 -25.10 -36.43 23.62
C ARG B 204 -26.37 -36.07 22.88
N VAL B 205 -27.03 -37.09 22.29
CA VAL B 205 -28.22 -36.86 21.49
C VAL B 205 -29.44 -36.81 22.40
N GLU B 206 -30.51 -36.21 21.89
CA GLU B 206 -31.75 -36.08 22.65
C GLU B 206 -32.30 -37.46 22.97
N ARG B 207 -32.78 -37.62 24.19
CA ARG B 207 -33.10 -38.95 24.70
C ARG B 207 -34.27 -39.57 23.94
N GLY B 208 -34.13 -40.86 23.59
CA GLY B 208 -35.13 -41.58 22.81
C GLY B 208 -34.67 -42.07 21.45
N LEU B 209 -33.36 -42.05 21.21
CA LEU B 209 -32.79 -42.42 19.92
C LEU B 209 -31.55 -43.27 20.12
N THR B 210 -31.20 -44.03 19.08
CA THR B 210 -29.92 -44.71 18.94
C THR B 210 -29.14 -44.12 17.76
N LEU B 211 -27.86 -44.49 17.64
CA LEU B 211 -26.99 -43.89 16.63
C LEU B 211 -26.38 -44.97 15.73
N HIS B 212 -26.55 -44.80 14.41
CA HIS B 212 -25.94 -45.66 13.39
C HIS B 212 -24.65 -45.02 12.87
N LEU B 213 -23.60 -45.84 12.70
CA LEU B 213 -22.26 -45.35 12.41
C LEU B 213 -21.71 -45.97 11.12
N LYS B 214 -20.98 -45.16 10.35
CA LYS B 214 -20.43 -45.56 9.04
C LYS B 214 -19.08 -44.88 8.83
N PHE B 215 -17.99 -45.67 8.73
CA PHE B 215 -16.63 -45.16 8.52
C PHE B 215 -16.38 -44.78 7.07
N LEU B 216 -15.29 -44.06 6.87
CA LEU B 216 -14.87 -43.65 5.55
C LEU B 216 -13.39 -43.96 5.37
N GLU B 217 -12.95 -43.86 4.12
CA GLU B 217 -11.69 -44.37 3.63
C GLU B 217 -10.75 -43.27 3.14
N PRO B 218 -9.46 -43.57 3.02
CA PRO B 218 -8.80 -44.77 3.53
C PRO B 218 -8.48 -44.55 4.98
N PHE B 219 -8.72 -45.54 5.83
CA PHE B 219 -8.42 -45.37 7.24
C PHE B 219 -6.92 -45.53 7.46
N ASP B 220 -6.38 -44.82 8.44
CA ASP B 220 -4.93 -44.87 8.70
C ASP B 220 -4.62 -44.47 10.14
N ILE B 221 -4.10 -45.43 10.93
CA ILE B 221 -3.52 -45.17 12.23
C ILE B 221 -2.35 -46.13 12.41
N ASP B 222 -1.18 -45.61 12.80
CA ASP B 222 0.02 -46.43 12.88
C ASP B 222 -0.16 -47.57 13.88
N ASP B 223 0.02 -48.80 13.41
CA ASP B 223 -0.28 -49.99 14.19
C ASP B 223 0.95 -50.90 14.24
N HIS B 224 0.83 -51.96 15.06
CA HIS B 224 1.81 -53.03 15.08
C HIS B 224 1.05 -54.35 14.96
N GLN B 225 1.60 -55.27 14.16
CA GLN B 225 0.88 -56.46 13.71
C GLN B 225 0.92 -57.65 14.66
N GLN B 226 1.70 -57.61 15.74
CA GLN B 226 1.71 -58.71 16.71
C GLN B 226 0.85 -58.41 17.94
N VAL B 227 1.01 -57.21 18.49
CA VAL B 227 0.10 -56.68 19.52
C VAL B 227 -0.45 -55.36 19.00
N HIS B 228 -1.77 -55.23 18.99
CA HIS B 228 -2.42 -54.09 18.38
C HIS B 228 -2.15 -52.79 19.13
N CYS B 229 -1.81 -51.77 18.37
CA CYS B 229 -1.83 -50.37 18.78
C CYS B 229 -0.87 -50.03 19.92
N PRO B 230 0.44 -50.14 19.70
CA PRO B 230 1.38 -49.60 20.67
C PRO B 230 1.64 -48.11 20.55
N TYR B 231 1.75 -47.58 19.34
CA TYR B 231 2.11 -46.18 19.17
C TYR B 231 0.91 -45.27 19.36
N ASP B 232 -0.07 -45.38 18.48
CA ASP B 232 -1.33 -44.66 18.64
C ASP B 232 -2.39 -45.61 19.15
N GLN B 233 -3.32 -45.06 19.88
CA GLN B 233 -4.47 -45.80 20.36
C GLN B 233 -5.72 -44.99 20.03
N LEU B 234 -6.81 -45.69 19.68
CA LEU B 234 -8.12 -45.09 19.38
C LEU B 234 -9.20 -45.71 20.28
N GLN B 235 -9.29 -45.21 21.52
CA GLN B 235 -10.18 -45.83 22.50
C GLN B 235 -11.52 -45.12 22.47
N ILE B 236 -12.58 -45.92 22.55
CA ILE B 236 -13.94 -45.49 22.29
C ILE B 236 -14.79 -45.89 23.49
N TYR B 237 -15.41 -44.91 24.13
CA TYR B 237 -16.17 -45.12 25.36
C TYR B 237 -17.66 -44.90 25.09
N ALA B 238 -18.44 -45.96 25.22
CA ALA B 238 -19.87 -45.93 24.94
C ALA B 238 -20.65 -45.90 26.23
N ASN B 239 -21.57 -44.94 26.34
CA ASN B 239 -22.48 -44.74 27.48
C ASN B 239 -21.71 -44.64 28.80
N GLY B 240 -20.39 -44.45 28.71
CA GLY B 240 -19.53 -44.37 29.89
C GLY B 240 -18.58 -45.54 30.07
N LYS B 241 -18.57 -46.51 29.16
CA LYS B 241 -17.68 -47.66 29.28
C LYS B 241 -16.97 -47.94 27.95
N ASN B 242 -15.80 -48.58 28.07
CA ASN B 242 -14.89 -48.82 26.95
C ASN B 242 -15.39 -49.90 25.99
N ILE B 243 -15.25 -49.68 24.68
CA ILE B 243 -15.74 -50.61 23.66
C ILE B 243 -14.71 -50.95 22.60
N GLY B 244 -13.52 -50.34 22.60
CA GLY B 244 -12.50 -50.75 21.62
C GLY B 244 -11.19 -49.99 21.48
N GLU B 245 -10.07 -50.72 21.33
CA GLU B 245 -8.72 -50.18 21.09
C GLU B 245 -8.36 -50.53 19.64
N PHE B 246 -8.65 -49.60 18.71
CA PHE B 246 -8.49 -49.87 17.28
C PHE B 246 -7.35 -49.07 16.63
N CYS B 247 -6.68 -49.72 15.68
CA CYS B 247 -5.57 -49.19 14.90
C CYS B 247 -5.36 -50.12 13.71
N GLY B 248 -4.54 -49.65 12.74
CA GLY B 248 -4.32 -50.39 11.51
C GLY B 248 -4.52 -49.52 10.27
N LYS B 249 -4.86 -50.18 9.15
CA LYS B 249 -4.95 -49.52 7.85
C LYS B 249 -6.27 -49.70 7.10
N GLN B 250 -6.99 -50.79 7.36
CA GLN B 250 -8.26 -51.08 6.71
C GLN B 250 -9.40 -50.59 7.59
N ARG B 251 -10.47 -50.10 6.97
CA ARG B 251 -11.51 -49.40 7.75
C ARG B 251 -12.24 -50.39 8.65
N PRO B 252 -12.46 -50.05 9.92
CA PRO B 252 -13.35 -50.86 10.75
C PRO B 252 -14.79 -50.82 10.24
N PRO B 253 -15.64 -51.76 10.63
CA PRO B 253 -16.99 -51.84 10.07
C PRO B 253 -18.03 -50.99 10.81
N ASP B 254 -19.22 -50.95 10.23
CA ASP B 254 -20.30 -50.12 10.72
C ASP B 254 -20.83 -50.67 12.04
N LEU B 255 -21.42 -49.79 12.85
CA LEU B 255 -21.95 -50.20 14.14
C LEU B 255 -23.28 -49.52 14.44
N ASP B 256 -23.93 -50.03 15.49
CA ASP B 256 -25.12 -49.43 16.09
C ASP B 256 -24.80 -49.18 17.57
N THR B 257 -25.12 -47.98 18.06
CA THR B 257 -24.60 -47.57 19.37
C THR B 257 -25.40 -48.13 20.53
N SER B 258 -26.72 -48.08 20.45
CA SER B 258 -27.59 -48.39 21.58
C SER B 258 -27.28 -47.46 22.76
N SER B 259 -27.36 -46.16 22.50
CA SER B 259 -27.39 -45.18 23.59
C SER B 259 -27.78 -43.82 23.02
N ASN B 260 -28.05 -42.89 23.94
CA ASN B 260 -28.41 -41.53 23.60
C ASN B 260 -27.24 -40.59 23.88
N ALA B 261 -26.07 -41.14 24.19
CA ALA B 261 -24.90 -40.35 24.56
C ALA B 261 -23.66 -41.26 24.54
N VAL B 262 -22.51 -40.68 24.16
CA VAL B 262 -21.25 -41.41 23.93
C VAL B 262 -20.03 -40.57 24.24
N ASP B 263 -18.85 -41.17 24.14
CA ASP B 263 -17.62 -40.43 24.38
C ASP B 263 -16.50 -40.98 23.50
N LEU B 264 -15.75 -40.08 22.85
CA LEU B 264 -14.59 -40.47 22.04
C LEU B 264 -13.31 -39.99 22.70
N LEU B 265 -12.24 -40.77 22.50
CA LEU B 265 -10.94 -40.43 23.06
C LEU B 265 -9.85 -40.88 22.10
N PHE B 266 -8.74 -40.13 22.07
CA PHE B 266 -7.64 -40.42 21.14
C PHE B 266 -6.28 -40.33 21.84
N PHE B 267 -5.51 -41.41 21.76
CA PHE B 267 -4.15 -41.48 22.29
C PHE B 267 -3.17 -41.48 21.12
N THR B 268 -2.36 -40.44 21.03
CA THR B 268 -1.41 -40.36 19.95
C THR B 268 -0.05 -40.74 20.47
N ASP B 269 0.81 -41.16 19.56
CA ASP B 269 2.23 -41.35 19.84
C ASP B 269 2.90 -39.99 19.74
N GLU B 270 4.22 -39.95 19.61
CA GLU B 270 4.93 -38.68 19.40
C GLU B 270 5.64 -38.63 18.04
N SER B 271 5.18 -39.43 17.09
CA SER B 271 5.80 -39.45 15.75
C SER B 271 4.78 -39.98 14.74
N GLY B 272 4.25 -39.10 13.89
CA GLY B 272 3.20 -39.45 12.95
C GLY B 272 3.73 -39.73 11.56
N ASP B 273 3.35 -40.91 11.03
CA ASP B 273 3.61 -41.26 9.64
C ASP B 273 2.35 -41.49 8.84
N SER B 274 1.26 -41.88 9.50
CA SER B 274 0.04 -42.27 8.83
C SER B 274 -0.73 -41.04 8.38
N ARG B 275 -2.00 -41.21 8.02
CA ARG B 275 -2.81 -40.12 7.49
C ARG B 275 -3.97 -39.72 8.40
N GLY B 276 -4.82 -40.65 8.82
CA GLY B 276 -5.87 -40.30 9.77
C GLY B 276 -7.12 -41.17 9.58
N TRP B 277 -8.29 -40.54 9.75
CA TRP B 277 -9.55 -41.26 9.86
C TRP B 277 -10.73 -40.30 9.70
N LYS B 278 -11.75 -40.73 8.94
CA LYS B 278 -12.93 -39.91 8.70
C LYS B 278 -14.18 -40.78 8.80
N LEU B 279 -15.26 -40.19 9.30
CA LEU B 279 -16.44 -40.93 9.73
C LEU B 279 -17.69 -40.09 9.53
N ARG B 280 -18.84 -40.75 9.57
CA ARG B 280 -20.17 -40.14 9.43
C ARG B 280 -21.11 -40.79 10.44
N TYR B 281 -22.05 -40.01 11.01
CA TYR B 281 -23.01 -40.54 11.98
C TYR B 281 -24.45 -40.09 11.69
N THR B 282 -25.43 -40.98 11.94
CA THR B 282 -26.88 -40.79 11.71
C THR B 282 -27.71 -41.24 12.94
N THR B 283 -29.03 -41.04 12.89
CA THR B 283 -29.94 -41.33 14.00
C THR B 283 -31.00 -42.39 13.64
N GLU B 284 -31.59 -42.99 14.70
CA GLU B 284 -32.70 -43.96 14.58
C GLU B 284 -33.67 -43.91 15.77
#